data_3UFM
#
_entry.id   3UFM
#
_cell.length_a   78.343
_cell.length_b   92.640
_cell.length_c   66.012
_cell.angle_alpha   90.000
_cell.angle_beta   90.000
_cell.angle_gamma   90.000
#
_symmetry.space_group_name_H-M   'C 2 2 21'
#
loop_
_entity.id
_entity.type
_entity.pdbx_description
1 polymer 'Uracil-DNA glycosylase'
2 polymer 'Single-stranded DNA-binding protein'
3 non-polymer 'IODIDE ION'
4 water water
#
loop_
_entity_poly.entity_id
_entity_poly.type
_entity_poly.pdbx_seq_one_letter_code
_entity_poly.pdbx_strand_id
1 'polypeptide(L)'
;MTDQPDLFGLAPDAPRPIIPANLPEDWQEALLPEFSAPYFHELTDFLRQERKEYTIYPPAPDVFNALRYTPLGEVKVLIL
GQDPYHGPNQAHGLSFSVRPGVRVPPSLRNIYKELTEDIPGFVAPKHGYLRSWAEQGVLLLNAVLTVRAGQANSHQGKGW
EHFTDAVIKAVNAKEERVVFILWGSYARKKKKLITGKNHVVIESGHPSPLSEQYFFGTRPFSKTNEALEKAGRGPVEWQL
PATVTEELEHHHHHH
;
A
2 'polypeptide(L)' DDFPPEEDDLPF B
#
# COMPACT_ATOMS: atom_id res chain seq x y z
N PRO A 17 -11.82 -3.19 -22.11
CA PRO A 17 -11.26 -3.48 -20.79
C PRO A 17 -9.74 -3.81 -20.84
N ILE A 18 -8.92 -2.90 -20.32
CA ILE A 18 -7.47 -3.09 -20.25
C ILE A 18 -7.09 -3.78 -18.95
N ILE A 19 -6.89 -5.09 -19.02
CA ILE A 19 -6.64 -5.89 -17.82
C ILE A 19 -5.16 -6.30 -17.73
N PRO A 20 -4.51 -5.93 -16.61
CA PRO A 20 -3.12 -6.27 -16.32
C PRO A 20 -2.94 -7.75 -16.08
N ALA A 21 -1.72 -8.24 -16.31
CA ALA A 21 -1.41 -9.67 -16.22
C ALA A 21 -1.28 -10.14 -14.80
N ASN A 22 -1.65 -11.40 -14.58
CA ASN A 22 -1.48 -12.09 -13.31
CA ASN A 22 -1.45 -12.07 -13.31
C ASN A 22 -2.14 -11.35 -12.13
N LEU A 23 -3.40 -10.94 -12.32
CA LEU A 23 -4.16 -10.35 -11.22
C LEU A 23 -5.07 -11.40 -10.59
N PRO A 24 -5.27 -11.38 -9.23
CA PRO A 24 -6.27 -12.31 -8.71
C PRO A 24 -7.66 -12.06 -9.34
N GLU A 25 -8.44 -13.13 -9.51
CA GLU A 25 -9.76 -13.02 -10.10
C GLU A 25 -10.71 -12.08 -9.34
N ASP A 26 -10.68 -12.11 -8.01
CA ASP A 26 -11.59 -11.26 -7.28
C ASP A 26 -11.30 -9.75 -7.56
N TRP A 27 -10.03 -9.36 -7.67
CA TRP A 27 -9.68 -8.01 -8.11
C TRP A 27 -10.10 -7.72 -9.53
N GLN A 28 -9.89 -8.66 -10.45
CA GLN A 28 -10.35 -8.45 -11.83
C GLN A 28 -11.83 -8.14 -11.86
N GLU A 29 -12.61 -8.91 -11.10
CA GLU A 29 -14.05 -8.73 -11.05
C GLU A 29 -14.41 -7.40 -10.41
N ALA A 30 -13.78 -7.07 -9.28
CA ALA A 30 -14.17 -5.88 -8.53
C ALA A 30 -13.80 -4.61 -9.27
N LEU A 31 -12.71 -4.65 -10.01
CA LEU A 31 -12.12 -3.46 -10.64
C LEU A 31 -12.38 -3.36 -12.15
N LEU A 32 -13.12 -4.32 -12.71
CA LEU A 32 -13.46 -4.27 -14.14
C LEU A 32 -14.02 -2.89 -14.60
N PRO A 33 -14.88 -2.23 -13.78
CA PRO A 33 -15.33 -0.89 -14.19
C PRO A 33 -14.22 0.12 -14.38
N GLU A 34 -13.15 0.06 -13.57
CA GLU A 34 -12.00 0.92 -13.77
C GLU A 34 -11.22 0.54 -15.03
N PHE A 35 -10.93 -0.76 -15.18
CA PHE A 35 -10.16 -1.27 -16.31
C PHE A 35 -10.85 -0.99 -17.65
N SER A 36 -12.17 -0.83 -17.63
CA SER A 36 -12.98 -0.52 -18.82
C SER A 36 -13.24 0.99 -19.02
N ALA A 37 -12.91 1.83 -18.05
CA ALA A 37 -13.20 3.26 -18.13
C ALA A 37 -12.39 4.00 -19.19
N PRO A 38 -13.03 4.94 -19.93
CA PRO A 38 -12.30 5.86 -20.79
C PRO A 38 -11.07 6.55 -20.12
N TYR A 39 -11.19 6.96 -18.84
CA TYR A 39 -10.05 7.70 -18.23
C TYR A 39 -8.83 6.75 -18.09
N PHE A 40 -9.12 5.47 -17.85
CA PHE A 40 -8.07 4.45 -17.67
C PHE A 40 -7.37 4.14 -18.99
N HIS A 41 -8.13 4.15 -20.10
CA HIS A 41 -7.53 4.04 -21.44
C HIS A 41 -6.56 5.15 -21.64
N GLU A 42 -6.96 6.36 -21.27
CA GLU A 42 -6.10 7.50 -21.44
C GLU A 42 -4.88 7.39 -20.53
N LEU A 43 -5.08 6.95 -19.28
CA LEU A 43 -3.96 6.77 -18.35
C LEU A 43 -2.95 5.77 -18.93
N THR A 44 -3.45 4.69 -19.53
CA THR A 44 -2.61 3.69 -20.16
C THR A 44 -1.73 4.28 -21.28
N ASP A 45 -2.30 5.18 -22.07
CA ASP A 45 -1.55 5.81 -23.16
C ASP A 45 -0.52 6.77 -22.65
N PHE A 46 -0.89 7.49 -21.60
CA PHE A 46 0.04 8.39 -20.95
C PHE A 46 1.25 7.60 -20.41
N LEU A 47 1.00 6.48 -19.73
CA LEU A 47 2.12 5.73 -19.11
C LEU A 47 3.02 5.05 -20.17
N ARG A 48 2.42 4.58 -21.24
CA ARG A 48 3.20 4.05 -22.38
C ARG A 48 4.21 5.07 -22.84
N GLN A 49 3.74 6.29 -23.08
CA GLN A 49 4.60 7.37 -23.53
C GLN A 49 5.61 7.81 -22.46
N GLU A 50 5.17 7.86 -21.21
CA GLU A 50 6.04 8.17 -20.08
C GLU A 50 7.24 7.23 -19.98
N ARG A 51 7.00 5.94 -20.20
CA ARG A 51 8.06 4.94 -20.06
C ARG A 51 9.05 5.01 -21.23
N LYS A 52 8.68 5.72 -22.29
CA LYS A 52 9.62 5.97 -23.40
C LYS A 52 10.48 7.18 -23.15
N GLU A 53 9.93 8.19 -22.49
CA GLU A 53 10.65 9.45 -22.28
C GLU A 53 11.44 9.48 -20.99
N TYR A 54 11.03 8.67 -20.00
CA TYR A 54 11.59 8.72 -18.65
C TYR A 54 11.74 7.32 -18.06
N THR A 55 12.56 7.20 -17.03
CA THR A 55 12.51 6.02 -16.17
C THR A 55 11.28 6.20 -15.26
N ILE A 56 10.35 5.25 -15.27
CA ILE A 56 9.16 5.26 -14.43
C ILE A 56 9.22 4.15 -13.37
N TYR A 57 8.88 4.51 -12.13
CA TYR A 57 8.89 3.56 -11.04
C TYR A 57 7.45 3.29 -10.53
N PRO A 58 7.15 2.05 -10.10
CA PRO A 58 8.07 0.91 -10.24
C PRO A 58 8.08 0.41 -11.69
N PRO A 59 8.92 -0.61 -11.97
CA PRO A 59 8.91 -1.21 -13.31
C PRO A 59 7.52 -1.76 -13.58
N ALA A 60 7.17 -1.83 -14.87
CA ALA A 60 5.81 -2.24 -15.30
C ALA A 60 5.26 -3.53 -14.66
N PRO A 61 6.09 -4.60 -14.56
CA PRO A 61 5.56 -5.82 -13.98
C PRO A 61 5.24 -5.73 -12.49
N ASP A 62 5.74 -4.69 -11.81
CA ASP A 62 5.55 -4.53 -10.36
C ASP A 62 4.41 -3.58 -9.96
N VAL A 63 3.88 -2.85 -10.91
CA VAL A 63 2.89 -1.80 -10.63
C VAL A 63 1.74 -2.31 -9.79
N PHE A 64 1.23 -3.50 -10.11
CA PHE A 64 0.14 -4.09 -9.32
C PHE A 64 0.51 -5.14 -8.26
N ASN A 65 1.75 -5.16 -7.78
CA ASN A 65 2.10 -6.19 -6.79
C ASN A 65 1.27 -6.25 -5.51
N ALA A 66 0.80 -5.09 -5.01
CA ALA A 66 -0.05 -5.10 -3.79
C ALA A 66 -1.32 -5.93 -3.99
N LEU A 67 -1.95 -5.82 -5.17
CA LEU A 67 -3.16 -6.60 -5.43
C LEU A 67 -2.85 -8.10 -5.61
N ARG A 68 -1.71 -8.40 -6.25
CA ARG A 68 -1.31 -9.81 -6.43
C ARG A 68 -0.99 -10.47 -5.13
N TYR A 69 -0.23 -9.82 -4.25
CA TYR A 69 0.14 -10.51 -3.00
C TYR A 69 -1.02 -10.60 -2.00
N THR A 70 -1.99 -9.70 -2.15
CA THR A 70 -3.13 -9.67 -1.23
C THR A 70 -4.42 -9.62 -2.05
N PRO A 71 -4.99 -10.80 -2.39
CA PRO A 71 -6.29 -10.84 -3.10
C PRO A 71 -7.35 -10.14 -2.26
N LEU A 72 -8.40 -9.66 -2.91
CA LEU A 72 -9.46 -8.92 -2.23
C LEU A 72 -10.02 -9.74 -1.10
N GLY A 73 -10.25 -11.05 -1.37
CA GLY A 73 -10.78 -11.94 -0.33
C GLY A 73 -9.87 -12.12 0.87
N GLU A 74 -8.59 -11.82 0.72
CA GLU A 74 -7.64 -11.98 1.82
C GLU A 74 -7.37 -10.70 2.60
N VAL A 75 -7.90 -9.56 2.14
CA VAL A 75 -7.66 -8.27 2.81
C VAL A 75 -8.17 -8.26 4.26
N LYS A 76 -7.25 -8.08 5.22
CA LYS A 76 -7.58 -7.86 6.63
C LYS A 76 -7.22 -6.43 7.07
N VAL A 77 -6.21 -5.85 6.43
CA VAL A 77 -5.62 -4.53 6.84
C VAL A 77 -5.29 -3.76 5.59
N LEU A 78 -5.49 -2.45 5.63
CA LEU A 78 -5.11 -1.64 4.47
C LEU A 78 -4.25 -0.51 4.99
N ILE A 79 -3.01 -0.43 4.46
CA ILE A 79 -2.07 0.66 4.84
C ILE A 79 -1.78 1.51 3.61
N LEU A 80 -2.34 2.71 3.62
CA LEU A 80 -2.36 3.55 2.44
C LEU A 80 -1.11 4.44 2.43
N GLY A 81 -0.38 4.45 1.31
CA GLY A 81 0.77 5.34 1.13
C GLY A 81 0.33 6.34 0.08
N GLN A 82 1.19 7.31 -0.25
CA GLN A 82 0.84 8.32 -1.29
C GLN A 82 1.29 7.85 -2.67
N ASP A 83 2.58 7.93 -2.99
CA ASP A 83 2.99 7.37 -4.25
C ASP A 83 4.28 6.57 -4.09
N PRO A 84 4.74 5.93 -5.18
CA PRO A 84 5.90 5.06 -5.00
C PRO A 84 7.14 5.88 -4.68
N TYR A 85 8.07 5.27 -3.95
CA TYR A 85 9.43 5.78 -3.90
C TYR A 85 9.95 6.08 -5.33
N HIS A 86 10.67 7.18 -5.50
CA HIS A 86 11.15 7.63 -6.83
C HIS A 86 12.66 7.64 -7.03
N GLY A 87 13.38 6.88 -6.22
CA GLY A 87 14.82 6.67 -6.41
C GLY A 87 15.08 5.29 -6.97
N PRO A 88 16.31 5.04 -7.48
CA PRO A 88 16.56 3.73 -8.09
C PRO A 88 16.44 2.57 -7.08
N ASN A 89 15.88 1.46 -7.56
CA ASN A 89 15.69 0.22 -6.81
C ASN A 89 14.75 0.21 -5.61
N GLN A 90 14.09 1.32 -5.35
CA GLN A 90 13.29 1.47 -4.13
C GLN A 90 11.94 0.82 -4.28
N ALA A 91 11.08 1.42 -5.11
CA ALA A 91 9.69 0.96 -5.24
C ALA A 91 9.54 -0.38 -5.92
N HIS A 92 8.64 -1.21 -5.39
CA HIS A 92 8.36 -2.47 -6.06
C HIS A 92 6.88 -2.85 -5.96
N GLY A 93 6.01 -1.84 -5.88
CA GLY A 93 4.56 -2.06 -5.98
C GLY A 93 3.80 -2.15 -4.66
N LEU A 94 4.50 -1.94 -3.56
CA LEU A 94 3.90 -1.97 -2.21
C LEU A 94 4.12 -0.64 -1.53
N SER A 95 3.12 -0.09 -0.85
CA SER A 95 3.38 1.11 -0.03
C SER A 95 4.47 0.82 1.04
N PHE A 96 5.29 1.83 1.31
CA PHE A 96 6.31 1.86 2.37
C PHE A 96 7.51 0.94 2.17
N SER A 97 7.31 -0.18 1.48
CA SER A 97 8.34 -1.21 1.34
C SER A 97 9.43 -0.86 0.32
N VAL A 98 10.66 -1.38 0.53
CA VAL A 98 11.71 -1.29 -0.51
C VAL A 98 12.28 -2.67 -0.80
N ARG A 99 12.90 -2.85 -1.97
CA ARG A 99 13.54 -4.13 -2.32
C ARG A 99 14.67 -4.49 -1.33
N PRO A 100 14.94 -5.80 -1.17
CA PRO A 100 16.08 -6.24 -0.37
C PRO A 100 17.35 -5.58 -0.88
N GLY A 101 18.26 -5.24 0.04
CA GLY A 101 19.55 -4.67 -0.33
C GLY A 101 19.52 -3.16 -0.39
N VAL A 102 18.32 -2.57 -0.37
CA VAL A 102 18.17 -1.12 -0.42
C VAL A 102 18.09 -0.55 1.00
N ARG A 103 18.70 0.60 1.23
CA ARG A 103 18.64 1.28 2.51
C ARG A 103 17.19 1.56 2.91
N VAL A 104 16.88 1.32 4.18
CA VAL A 104 15.54 1.52 4.70
C VAL A 104 15.32 3.02 4.72
N PRO A 105 14.30 3.52 3.97
CA PRO A 105 14.03 4.97 3.94
C PRO A 105 13.53 5.47 5.30
N PRO A 106 13.67 6.79 5.58
CA PRO A 106 13.28 7.40 6.84
C PRO A 106 11.90 7.03 7.45
N SER A 107 10.81 7.07 6.64
N SER A 107 10.84 7.08 6.63
CA SER A 107 9.47 6.74 7.14
CA SER A 107 9.50 6.72 7.09
C SER A 107 9.42 5.29 7.63
C SER A 107 9.46 5.30 7.64
N LEU A 108 10.03 4.37 6.87
CA LEU A 108 10.09 2.95 7.25
C LEU A 108 10.98 2.72 8.47
N ARG A 109 12.06 3.51 8.61
CA ARG A 109 12.85 3.43 9.84
C ARG A 109 11.99 3.79 11.03
N ASN A 110 11.16 4.82 10.89
CA ASN A 110 10.30 5.23 12.00
C ASN A 110 9.19 4.21 12.30
N ILE A 111 8.64 3.66 11.23
CA ILE A 111 7.72 2.49 11.37
C ILE A 111 8.41 1.36 12.19
N TYR A 112 9.64 1.03 11.86
CA TYR A 112 10.39 -0.06 12.61
C TYR A 112 10.57 0.30 14.08
N LYS A 113 10.88 1.59 14.33
CA LYS A 113 11.03 2.08 15.69
C LYS A 113 9.73 1.95 16.46
N GLU A 114 8.60 2.30 15.84
CA GLU A 114 7.30 2.18 16.53
C GLU A 114 6.93 0.70 16.76
N LEU A 115 7.14 -0.15 15.75
CA LEU A 115 7.01 -1.61 15.89
C LEU A 115 7.80 -2.18 17.09
N THR A 116 9.08 -1.77 17.19
CA THR A 116 9.94 -2.18 18.28
C THR A 116 9.34 -1.83 19.63
N GLU A 117 8.70 -0.66 19.75
CA GLU A 117 8.06 -0.26 21.02
C GLU A 117 6.64 -0.77 21.22
N ASP A 118 6.00 -1.21 20.15
CA ASP A 118 4.60 -1.58 20.20
C ASP A 118 4.44 -3.11 20.38
N ILE A 119 5.20 -3.87 19.59
CA ILE A 119 5.08 -5.34 19.47
C ILE A 119 6.18 -6.03 20.28
N PRO A 120 5.82 -6.64 21.44
CA PRO A 120 6.86 -7.26 22.26
C PRO A 120 7.68 -8.26 21.46
N GLY A 121 8.99 -8.18 21.59
CA GLY A 121 9.89 -9.09 20.91
C GLY A 121 10.15 -8.75 19.45
N PHE A 122 9.55 -7.68 18.94
CA PHE A 122 9.80 -7.33 17.53
C PHE A 122 11.23 -6.85 17.41
N VAL A 123 11.95 -7.40 16.44
CA VAL A 123 13.32 -7.00 16.12
C VAL A 123 13.38 -6.48 14.69
N ALA A 124 13.83 -5.24 14.51
CA ALA A 124 13.81 -4.64 13.19
C ALA A 124 14.87 -5.28 12.30
N PRO A 125 14.49 -5.73 11.08
CA PRO A 125 15.49 -6.45 10.28
C PRO A 125 16.38 -5.44 9.56
N LYS A 126 17.44 -5.91 8.90
CA LYS A 126 18.35 -5.02 8.17
C LYS A 126 17.75 -4.47 6.88
N HIS A 127 16.69 -5.12 6.39
CA HIS A 127 16.13 -4.87 5.05
C HIS A 127 14.77 -4.17 5.21
N GLY A 128 14.22 -3.68 4.10
CA GLY A 128 12.96 -2.87 4.17
C GLY A 128 11.85 -3.51 3.36
N TYR A 129 11.89 -4.84 3.25
CA TYR A 129 11.03 -5.59 2.33
C TYR A 129 9.85 -6.18 3.08
N LEU A 130 8.64 -5.75 2.71
CA LEU A 130 7.44 -5.98 3.52
C LEU A 130 6.51 -6.98 2.88
N ARG A 131 7.04 -7.73 1.91
CA ARG A 131 6.26 -8.79 1.27
C ARG A 131 5.54 -9.73 2.24
N SER A 132 6.17 -10.08 3.37
CA SER A 132 5.56 -11.06 4.24
C SER A 132 4.33 -10.50 4.93
N TRP A 133 4.23 -9.17 5.06
CA TRP A 133 3.00 -8.58 5.58
C TRP A 133 1.92 -8.70 4.54
N ALA A 134 2.27 -8.44 3.28
CA ALA A 134 1.25 -8.50 2.20
C ALA A 134 0.67 -9.92 2.04
N GLU A 135 1.55 -10.91 2.27
CA GLU A 135 1.16 -12.31 2.18
C GLU A 135 0.27 -12.81 3.30
N GLN A 136 0.05 -12.00 4.32
CA GLN A 136 -0.90 -12.38 5.37
C GLN A 136 -2.04 -11.40 5.51
N GLY A 137 -2.35 -10.73 4.41
CA GLY A 137 -3.61 -10.00 4.33
C GLY A 137 -3.47 -8.49 4.47
N VAL A 138 -2.24 -7.99 4.43
CA VAL A 138 -2.04 -6.56 4.62
C VAL A 138 -1.90 -5.95 3.22
N LEU A 139 -2.93 -5.21 2.81
CA LEU A 139 -2.90 -4.61 1.50
C LEU A 139 -2.08 -3.32 1.58
N LEU A 140 -0.92 -3.31 0.92
CA LEU A 140 0.01 -2.18 1.03
C LEU A 140 -0.22 -1.30 -0.20
N LEU A 141 -1.28 -0.50 -0.13
CA LEU A 141 -1.73 0.28 -1.27
C LEU A 141 -1.19 1.72 -1.29
N ASN A 142 -0.56 2.10 -2.41
CA ASN A 142 -0.23 3.51 -2.65
C ASN A 142 -1.44 4.15 -3.37
N ALA A 143 -1.80 5.40 -3.04
CA ALA A 143 -2.90 6.11 -3.75
C ALA A 143 -2.55 6.30 -5.23
N VAL A 144 -1.28 6.58 -5.49
CA VAL A 144 -0.80 6.74 -6.87
C VAL A 144 0.21 5.63 -7.17
N LEU A 145 0.07 4.96 -8.30
CA LEU A 145 0.82 3.69 -8.45
C LEU A 145 2.05 3.75 -9.32
N THR A 146 2.33 4.92 -9.92
CA THR A 146 3.54 5.16 -10.70
C THR A 146 4.11 6.57 -10.42
N VAL A 147 5.38 6.77 -10.76
CA VAL A 147 6.08 8.05 -10.55
C VAL A 147 7.26 8.16 -11.51
N ARG A 148 7.59 9.36 -11.96
CA ARG A 148 8.82 9.55 -12.74
C ARG A 148 10.00 9.51 -11.79
N ALA A 149 11.10 8.88 -12.21
CA ALA A 149 12.32 8.82 -11.40
C ALA A 149 12.68 10.22 -10.91
N GLY A 150 12.90 10.37 -9.60
CA GLY A 150 13.36 11.65 -9.05
C GLY A 150 12.35 12.80 -8.91
N GLN A 151 11.12 12.61 -9.40
CA GLN A 151 10.07 13.67 -9.30
C GLN A 151 8.82 13.19 -8.54
N ALA A 152 8.73 13.48 -7.25
CA ALA A 152 7.58 13.01 -6.46
C ALA A 152 6.30 13.71 -6.94
N ASN A 153 5.15 13.02 -6.91
CA ASN A 153 3.85 13.58 -7.33
C ASN A 153 3.74 13.82 -8.84
N SER A 154 4.71 13.37 -9.60
CA SER A 154 4.72 13.67 -11.02
C SER A 154 3.57 12.98 -11.76
N HIS A 155 3.01 11.91 -11.21
CA HIS A 155 1.79 11.30 -11.79
C HIS A 155 0.49 11.52 -11.04
N GLN A 156 0.48 12.53 -10.17
CA GLN A 156 -0.72 12.88 -9.40
C GLN A 156 -1.86 13.31 -10.36
N GLY A 157 -3.09 12.87 -10.07
CA GLY A 157 -4.28 13.33 -10.83
C GLY A 157 -4.47 12.78 -12.24
N LYS A 158 -3.70 11.74 -12.59
CA LYS A 158 -3.76 11.16 -13.94
C LYS A 158 -4.67 9.95 -14.00
N GLY A 159 -5.35 9.66 -12.89
CA GLY A 159 -6.28 8.55 -12.87
C GLY A 159 -6.03 7.55 -11.76
N TRP A 160 -4.81 7.48 -11.21
CA TRP A 160 -4.52 6.45 -10.22
C TRP A 160 -5.36 6.63 -8.98
N GLU A 161 -5.62 7.88 -8.58
CA GLU A 161 -6.45 8.13 -7.36
C GLU A 161 -7.88 7.60 -7.51
N HIS A 162 -8.44 7.77 -8.73
CA HIS A 162 -9.76 7.26 -9.04
C HIS A 162 -9.71 5.74 -8.90
N PHE A 163 -8.67 5.14 -9.46
CA PHE A 163 -8.47 3.68 -9.46
C PHE A 163 -8.29 3.12 -8.04
N THR A 164 -7.46 3.78 -7.22
CA THR A 164 -7.19 3.28 -5.86
C THR A 164 -8.32 3.61 -4.87
N ASP A 165 -9.12 4.64 -5.13
CA ASP A 165 -10.34 4.84 -4.36
C ASP A 165 -11.28 3.69 -4.65
N ALA A 166 -11.30 3.21 -5.90
CA ALA A 166 -12.13 2.05 -6.26
C ALA A 166 -11.67 0.80 -5.54
N VAL A 167 -10.35 0.65 -5.37
CA VAL A 167 -9.84 -0.42 -4.49
C VAL A 167 -10.37 -0.25 -3.05
N ILE A 168 -10.20 0.94 -2.47
CA ILE A 168 -10.66 1.21 -1.11
C ILE A 168 -12.15 0.89 -0.93
N LYS A 169 -12.95 1.31 -1.92
CA LYS A 169 -14.38 1.08 -1.91
C LYS A 169 -14.71 -0.42 -1.95
N ALA A 170 -13.99 -1.17 -2.79
CA ALA A 170 -14.21 -2.61 -2.93
C ALA A 170 -13.86 -3.32 -1.62
N VAL A 171 -12.79 -2.89 -0.95
CA VAL A 171 -12.42 -3.40 0.36
C VAL A 171 -13.48 -3.04 1.42
N ASN A 172 -13.90 -1.78 1.41
CA ASN A 172 -14.96 -1.33 2.35
C ASN A 172 -16.26 -2.10 2.13
N ALA A 173 -16.49 -2.54 0.91
CA ALA A 173 -17.74 -3.29 0.61
C ALA A 173 -17.73 -4.70 1.21
N LYS A 174 -16.60 -5.17 1.71
CA LYS A 174 -16.57 -6.48 2.39
C LYS A 174 -17.28 -6.46 3.73
N GLU A 175 -17.93 -7.58 4.07
CA GLU A 175 -18.63 -7.65 5.33
C GLU A 175 -17.69 -7.94 6.52
N GLU A 176 -16.70 -8.80 6.30
CA GLU A 176 -15.75 -9.16 7.35
C GLU A 176 -14.82 -7.97 7.65
N ARG A 177 -14.57 -7.73 8.93
CA ARG A 177 -13.78 -6.57 9.41
C ARG A 177 -12.43 -6.39 8.68
N VAL A 178 -12.20 -5.16 8.23
CA VAL A 178 -10.90 -4.74 7.75
C VAL A 178 -10.46 -3.55 8.59
N VAL A 179 -9.17 -3.53 8.95
CA VAL A 179 -8.59 -2.41 9.64
C VAL A 179 -7.90 -1.50 8.61
N PHE A 180 -8.34 -0.25 8.52
CA PHE A 180 -7.75 0.71 7.56
C PHE A 180 -6.84 1.61 8.38
N ILE A 181 -5.56 1.63 8.05
CA ILE A 181 -4.57 2.40 8.82
C ILE A 181 -4.26 3.63 7.94
N LEU A 182 -4.63 4.80 8.46
CA LEU A 182 -4.53 6.09 7.71
C LEU A 182 -3.54 7.03 8.39
N TRP A 183 -2.38 7.17 7.79
CA TRP A 183 -1.33 7.97 8.36
C TRP A 183 -1.20 9.27 7.60
N GLY A 184 -1.29 10.40 8.32
CA GLY A 184 -1.12 11.72 7.70
C GLY A 184 -2.39 12.32 7.10
N SER A 185 -2.34 13.62 6.79
CA SER A 185 -3.53 14.38 6.37
C SER A 185 -4.16 13.91 5.07
N TYR A 186 -3.33 13.48 4.15
CA TYR A 186 -3.81 12.99 2.88
C TYR A 186 -4.61 11.66 3.03
N ALA A 187 -4.03 10.69 3.71
CA ALA A 187 -4.71 9.38 3.87
C ALA A 187 -5.96 9.52 4.72
N ARG A 188 -5.94 10.46 5.66
CA ARG A 188 -7.04 10.62 6.58
C ARG A 188 -8.31 11.16 5.89
N LYS A 189 -8.13 11.78 4.73
CA LYS A 189 -9.27 12.20 3.92
C LYS A 189 -10.14 11.02 3.42
N LYS A 190 -9.58 9.80 3.42
CA LYS A 190 -10.26 8.58 2.95
C LYS A 190 -11.23 8.02 3.97
N LYS A 191 -11.12 8.50 5.20
CA LYS A 191 -12.00 8.06 6.28
C LYS A 191 -13.47 8.08 5.85
N LYS A 192 -13.86 9.06 5.04
CA LYS A 192 -15.27 9.18 4.59
C LYS A 192 -15.74 8.01 3.73
N LEU A 193 -14.79 7.31 3.09
CA LEU A 193 -15.14 6.09 2.35
C LEU A 193 -15.41 4.85 3.22
N ILE A 194 -14.98 4.87 4.48
CA ILE A 194 -15.06 3.69 5.30
C ILE A 194 -16.40 3.66 6.04
N THR A 195 -17.43 3.17 5.38
CA THR A 195 -18.76 3.16 5.96
C THR A 195 -19.20 1.78 6.43
N GLY A 196 -18.44 0.74 6.09
CA GLY A 196 -18.80 -0.64 6.46
C GLY A 196 -18.93 -0.81 7.97
N LYS A 197 -20.02 -1.45 8.38
CA LYS A 197 -20.32 -1.51 9.82
C LYS A 197 -19.27 -2.25 10.66
N ASN A 198 -18.52 -3.16 10.04
CA ASN A 198 -17.53 -3.97 10.79
C ASN A 198 -16.09 -3.46 10.74
N HIS A 199 -15.87 -2.44 9.93
CA HIS A 199 -14.53 -1.93 9.74
C HIS A 199 -14.08 -1.02 10.82
N VAL A 200 -12.76 -0.87 10.92
CA VAL A 200 -12.11 -0.05 11.94
C VAL A 200 -11.09 0.86 11.24
N VAL A 201 -11.06 2.13 11.65
CA VAL A 201 -10.05 3.07 11.16
C VAL A 201 -9.05 3.38 12.27
N ILE A 202 -7.78 3.25 11.95
CA ILE A 202 -6.74 3.63 12.89
C ILE A 202 -6.08 4.81 12.21
N GLU A 203 -6.04 5.94 12.89
CA GLU A 203 -5.51 7.14 12.25
C GLU A 203 -4.50 7.86 13.14
N SER A 204 -3.49 8.42 12.53
CA SER A 204 -2.54 9.26 13.25
C SER A 204 -1.74 10.10 12.27
N GLY A 205 -0.75 10.84 12.80
CA GLY A 205 0.21 11.55 11.97
C GLY A 205 1.03 10.58 11.16
N HIS A 206 1.67 11.09 10.12
CA HIS A 206 2.51 10.27 9.26
C HIS A 206 3.87 9.96 9.88
N PRO A 207 4.43 8.74 9.64
CA PRO A 207 5.77 8.37 10.17
C PRO A 207 6.97 9.12 9.57
N SER A 208 6.74 9.94 8.55
CA SER A 208 7.79 10.79 7.98
C SER A 208 8.49 11.62 9.08
N PRO A 209 9.83 11.77 9.00
CA PRO A 209 10.53 12.69 9.94
C PRO A 209 9.89 14.08 10.11
N LEU A 210 9.17 14.59 9.09
CA LEU A 210 8.49 15.90 9.14
C LEU A 210 7.38 15.97 10.17
N SER A 211 6.79 14.81 10.48
CA SER A 211 5.64 14.75 11.36
C SER A 211 5.72 13.58 12.33
N GLU A 212 6.92 13.04 12.55
CA GLU A 212 7.08 11.82 13.37
C GLU A 212 6.53 11.96 14.80
N GLN A 213 6.48 13.18 15.33
N GLN A 213 6.49 13.19 15.31
CA GLN A 213 5.96 13.45 16.69
CA GLN A 213 5.95 13.52 16.63
C GLN A 213 4.49 13.07 16.81
C GLN A 213 4.51 13.09 16.79
N TYR A 214 3.76 13.08 15.70
CA TYR A 214 2.33 12.69 15.72
C TYR A 214 2.15 11.21 15.35
N PHE A 215 3.28 10.51 15.18
CA PHE A 215 3.25 9.08 14.85
C PHE A 215 3.71 8.23 16.05
N PHE A 216 4.87 8.56 16.63
CA PHE A 216 5.44 7.83 17.77
C PHE A 216 4.49 7.68 18.94
N GLY A 217 4.46 6.47 19.50
CA GLY A 217 3.57 6.15 20.60
C GLY A 217 2.10 5.91 20.26
N THR A 218 1.71 5.93 18.99
CA THR A 218 0.31 5.68 18.65
C THR A 218 -0.04 4.17 18.58
N ARG A 219 0.97 3.30 18.53
CA ARG A 219 0.78 1.84 18.62
C ARG A 219 -0.25 1.32 17.63
N PRO A 220 -0.10 1.64 16.33
CA PRO A 220 -1.17 1.23 15.41
C PRO A 220 -1.19 -0.33 15.19
N PHE A 221 -0.08 -0.99 15.49
CA PHE A 221 0.09 -2.42 15.14
C PHE A 221 -0.57 -3.34 16.15
N SER A 222 -0.39 -3.08 17.45
CA SER A 222 -1.14 -3.74 18.49
C SER A 222 -2.62 -3.38 18.41
N LYS A 223 -2.93 -2.09 18.23
CA LYS A 223 -4.34 -1.71 18.06
C LYS A 223 -5.02 -2.45 16.90
N THR A 224 -4.29 -2.65 15.80
CA THR A 224 -4.88 -3.34 14.62
C THR A 224 -5.13 -4.80 15.05
N ASN A 225 -4.17 -5.39 15.74
CA ASN A 225 -4.33 -6.78 16.18
C ASN A 225 -5.43 -6.94 17.18
N GLU A 226 -5.62 -5.96 18.06
CA GLU A 226 -6.74 -6.05 19.01
C GLU A 226 -8.08 -6.05 18.28
N ALA A 227 -8.20 -5.20 17.26
CA ALA A 227 -9.43 -5.12 16.49
C ALA A 227 -9.69 -6.42 15.72
N LEU A 228 -8.63 -7.00 15.17
CA LEU A 228 -8.73 -8.24 14.41
C LEU A 228 -9.10 -9.41 15.34
N GLU A 229 -8.40 -9.53 16.47
CA GLU A 229 -8.69 -10.58 17.47
C GLU A 229 -10.16 -10.55 17.89
N LYS A 230 -10.65 -9.35 18.17
CA LYS A 230 -12.02 -9.13 18.63
C LYS A 230 -13.01 -9.64 17.62
N ALA A 231 -12.69 -9.44 16.34
CA ALA A 231 -13.57 -9.87 15.29
C ALA A 231 -13.34 -11.31 14.84
N GLY A 232 -12.37 -12.02 15.42
CA GLY A 232 -12.14 -13.40 14.99
C GLY A 232 -11.52 -13.41 13.60
N ARG A 233 -10.71 -12.40 13.30
CA ARG A 233 -10.15 -12.25 11.97
C ARG A 233 -8.67 -12.61 11.88
N GLY A 234 -8.06 -12.92 13.03
CA GLY A 234 -6.66 -13.35 13.04
C GLY A 234 -5.66 -12.19 13.05
N PRO A 235 -5.13 -11.85 14.24
CA PRO A 235 -4.04 -10.85 14.32
C PRO A 235 -2.86 -11.09 13.36
N VAL A 236 -2.29 -10.01 12.84
CA VAL A 236 -1.15 -10.08 11.91
C VAL A 236 0.12 -10.39 12.72
N GLU A 237 0.99 -11.20 12.12
CA GLU A 237 2.33 -11.48 12.62
C GLU A 237 3.31 -10.44 12.06
N TRP A 238 3.53 -9.38 12.83
CA TRP A 238 4.25 -8.18 12.32
C TRP A 238 5.71 -8.44 12.17
N GLN A 239 6.24 -9.42 12.91
CA GLN A 239 7.67 -9.73 12.77
C GLN A 239 8.06 -10.09 11.34
N LEU A 240 9.09 -9.43 10.84
CA LEU A 240 9.61 -9.70 9.52
C LEU A 240 10.78 -10.69 9.55
N PRO A 241 10.95 -11.49 8.47
CA PRO A 241 12.09 -12.42 8.46
C PRO A 241 13.39 -11.64 8.47
N ALA A 242 14.42 -12.20 9.11
CA ALA A 242 15.67 -11.50 9.27
C ALA A 242 16.39 -11.23 7.94
N THR A 243 16.26 -12.15 6.99
CA THR A 243 16.79 -11.98 5.64
C THR A 243 15.74 -12.45 4.61
N VAL A 244 15.78 -11.93 3.39
CA VAL A 244 14.69 -12.18 2.44
C VAL A 244 15.15 -12.55 1.01
N THR A 245 14.24 -13.17 0.23
CA THR A 245 14.42 -13.38 -1.23
C THR A 245 13.20 -12.93 -2.04
N GLU A 246 13.47 -12.25 -3.16
CA GLU A 246 12.43 -11.81 -4.08
C GLU A 246 11.93 -12.98 -4.93
N ASP B 9 3.75 -5.02 -24.02
CA ASP B 9 3.01 -3.78 -24.43
C ASP B 9 2.53 -2.90 -23.24
N LEU B 10 1.78 -3.49 -22.30
CA LEU B 10 1.23 -2.72 -21.17
C LEU B 10 2.30 -2.08 -20.27
N PRO B 11 2.05 -0.85 -19.79
CA PRO B 11 3.01 -0.17 -18.91
C PRO B 11 2.75 -0.45 -17.40
N PHE B 12 1.98 -1.51 -17.14
CA PHE B 12 1.63 -2.01 -15.80
C PHE B 12 1.19 -3.47 -15.92
#